data_8DV7
#
_entry.id   8DV7
#
_cell.length_a   102.289
_cell.length_b   57.782
_cell.length_c   87.414
_cell.angle_alpha   90.000
_cell.angle_beta   103.010
_cell.angle_gamma   90.000
#
_symmetry.space_group_name_H-M   'C 1 2 1'
#
loop_
_entity.id
_entity.type
_entity.pdbx_description
1 polymer 'Estrogen receptor'
2 non-polymer "[(1'R)-6'-hydroxy-1'-(4-{2-[(3R)-1-propylpyrrolidin-3-yl]ethyl}phenyl)-1',4'-dihydro-2'H-spiro[cyclopropane-1,3'-isoquinolin]-2'-yl](phenyl)methanone"
3 water water
#
_entity_poly.entity_id   1
_entity_poly.type   'polypeptide(L)'
_entity_poly.pdbx_seq_one_letter_code
;MSKKNSLALSLTADQMVSALLDAEPPILYSEYDPTRPFSEASMMGLLTNLADRELVHMINWAKRVPGFVDLTLHDQVHLL
ESAWLEILMIGLVWRSMEHPGKLLFAPNLLLDRNQGKSVEGMVEIFDMLLATSSRFRMMNLQGEEFVCLKSIILLNSGVY
TFLSSTLKSLEEKDHIHRVLDKITDTLIHLMAKAGLTLQQQHQRLAQLLLILSHIRHMSNKGMEHLYSMKSKNVVPSYDL
LLEMLDAHRLHAPTS
;
_entity_poly.pdbx_strand_id   A,B
#
loop_
_chem_comp.id
_chem_comp.type
_chem_comp.name
_chem_comp.formula
TXK non-polymer [(1'R)-6'-hydroxy-1'-(4-{2-[(3R)-1-propylpyrrolidin-3-yl]ethyl}phenyl)-1',4'-dihydro-2'H-spiro[cyclopropane-1,3'-isoquinolin]-2'-yl](phenyl)methanone 'C33 H38 N2 O2'
#
# COMPACT_ATOMS: atom_id res chain seq x y z
N LEU A 9 13.77 -20.97 1.02
CA LEU A 9 12.43 -21.49 0.80
C LEU A 9 12.18 -22.70 1.70
N SER A 10 13.27 -23.32 2.17
CA SER A 10 13.15 -24.47 3.07
C SER A 10 13.41 -24.08 4.52
N LEU A 11 13.72 -22.82 4.77
CA LEU A 11 13.81 -22.34 6.13
C LEU A 11 12.49 -22.54 6.84
N THR A 12 12.57 -22.87 8.13
CA THR A 12 11.38 -22.83 8.96
C THR A 12 11.07 -21.38 9.32
N ALA A 13 9.87 -21.16 9.89
CA ALA A 13 9.56 -19.82 10.36
C ALA A 13 10.59 -19.35 11.38
N ASP A 14 10.98 -20.25 12.31
CA ASP A 14 11.95 -19.82 13.32
C ASP A 14 13.27 -19.43 12.67
N GLN A 15 13.72 -20.21 11.69
CA GLN A 15 14.96 -19.87 10.99
C GLN A 15 14.82 -18.58 10.20
N MET A 16 13.64 -18.30 9.63
CA MET A 16 13.44 -17.04 8.92
C MET A 16 13.59 -15.84 9.86
N VAL A 17 12.95 -15.91 11.02
CA VAL A 17 13.05 -14.82 12.00
C VAL A 17 14.49 -14.61 12.37
N SER A 18 15.20 -15.72 12.65
CA SER A 18 16.57 -15.60 13.09
C SER A 18 17.42 -14.97 12.02
N ALA A 19 17.21 -15.38 10.76
CA ALA A 19 17.99 -14.82 9.68
C ALA A 19 17.71 -13.33 9.54
N LEU A 20 16.44 -12.95 9.69
CA LEU A 20 16.10 -11.54 9.54
C LEU A 20 16.64 -10.71 10.71
N LEU A 21 16.52 -11.21 11.94
CA LEU A 21 17.10 -10.47 13.06
C LEU A 21 18.62 -10.34 12.90
N ASP A 22 19.28 -11.40 12.47
CA ASP A 22 20.74 -11.34 12.30
C ASP A 22 21.16 -10.37 11.21
N ALA A 23 20.32 -10.18 10.19
CA ALA A 23 20.61 -9.29 9.06
C ALA A 23 20.40 -7.81 9.38
N GLU A 24 19.79 -7.50 10.52
CA GLU A 24 19.39 -6.12 10.80
C GLU A 24 20.59 -5.17 10.71
N PRO A 25 20.46 -4.05 10.02
CA PRO A 25 21.53 -3.05 10.01
C PRO A 25 21.66 -2.38 11.36
N PRO A 26 22.79 -1.77 11.58
CA PRO A 26 23.03 -1.04 12.83
C PRO A 26 22.31 0.30 12.79
N ILE A 27 22.06 0.84 13.98
CA ILE A 27 21.53 2.21 14.11
C ILE A 27 22.71 3.18 13.98
N LEU A 28 22.66 4.04 12.95
CA LEU A 28 23.74 4.98 12.68
C LEU A 28 23.52 6.30 13.40
N TYR A 29 24.62 7.06 13.53
CA TYR A 29 24.53 8.38 14.15
C TYR A 29 24.66 9.50 13.14
N SER A 30 24.17 10.68 13.56
CA SER A 30 24.58 11.88 12.85
C SER A 30 25.97 12.35 13.32
N GLU A 31 26.61 13.23 12.54
CA GLU A 31 27.92 13.79 12.90
C GLU A 31 27.91 14.48 14.25
N TYR A 32 28.99 14.33 15.02
CA TYR A 32 29.13 15.09 16.25
C TYR A 32 30.02 16.29 16.03
N ARG A 36 30.09 21.99 12.34
CA ARG A 36 28.77 22.04 11.72
C ARG A 36 27.67 21.71 12.73
N PRO A 37 27.40 22.62 13.65
CA PRO A 37 26.31 22.39 14.63
C PRO A 37 24.93 22.29 13.96
N PHE A 38 23.98 21.70 14.69
CA PHE A 38 22.64 21.54 14.14
C PHE A 38 21.93 22.89 14.07
N SER A 39 21.28 23.13 12.95
CA SER A 39 20.49 24.33 12.72
C SER A 39 19.49 23.95 11.65
N GLU A 40 18.46 24.78 11.49
CA GLU A 40 17.51 24.53 10.42
C GLU A 40 18.22 24.50 9.07
N ALA A 41 19.23 25.36 8.89
CA ALA A 41 19.95 25.44 7.63
C ALA A 41 20.74 24.15 7.32
N SER A 42 21.34 23.52 8.34
CA SER A 42 22.17 22.34 8.08
C SER A 42 21.36 21.05 8.13
N MET A 43 20.12 21.09 8.64
CA MET A 43 19.27 19.90 8.79
C MET A 43 19.27 18.98 7.58
N MET A 44 18.89 19.51 6.40
CA MET A 44 18.76 18.59 5.27
C MET A 44 20.09 17.97 4.88
N GLY A 45 21.18 18.72 4.98
CA GLY A 45 22.49 18.11 4.73
C GLY A 45 22.78 16.96 5.69
N LEU A 46 22.43 17.14 6.95
CA LEU A 46 22.67 16.09 7.96
C LEU A 46 21.84 14.86 7.66
N LEU A 47 20.56 15.07 7.32
CA LEU A 47 19.66 13.95 7.06
C LEU A 47 20.07 13.23 5.78
N THR A 48 20.49 13.97 4.75
CA THR A 48 20.94 13.33 3.50
C THR A 48 22.19 12.49 3.75
N ASN A 49 23.12 13.02 4.54
CA ASN A 49 24.35 12.29 4.83
C ASN A 49 24.02 11.00 5.57
N LEU A 50 23.09 11.08 6.52
CA LEU A 50 22.68 9.89 7.28
C LEU A 50 22.06 8.87 6.33
N ALA A 51 21.10 9.33 5.50
CA ALA A 51 20.44 8.40 4.58
C ALA A 51 21.44 7.73 3.66
N ASP A 52 22.43 8.49 3.15
CA ASP A 52 23.42 7.92 2.26
C ASP A 52 24.19 6.81 2.98
N ARG A 53 24.53 7.02 4.25
CA ARG A 53 25.26 5.98 4.97
C ARG A 53 24.35 4.79 5.26
N GLU A 54 23.06 5.04 5.55
CA GLU A 54 22.12 3.94 5.79
C GLU A 54 21.94 3.09 4.55
N LEU A 55 21.99 3.72 3.37
CA LEU A 55 21.72 2.97 2.14
C LEU A 55 22.77 1.89 1.93
N VAL A 56 24.04 2.17 2.27
CA VAL A 56 25.07 1.16 2.11
C VAL A 56 24.74 -0.06 2.96
N HIS A 57 24.36 0.17 4.22
CA HIS A 57 23.98 -0.96 5.08
C HIS A 57 22.71 -1.61 4.61
N MET A 58 21.82 -0.83 3.98
CA MET A 58 20.60 -1.42 3.48
C MET A 58 20.90 -2.44 2.40
N ILE A 59 21.88 -2.16 1.54
CA ILE A 59 22.24 -3.13 0.51
C ILE A 59 22.68 -4.44 1.11
N ASN A 60 23.54 -4.37 2.15
CA ASN A 60 24.04 -5.57 2.81
C ASN A 60 22.94 -6.35 3.45
N TRP A 61 22.00 -5.63 4.07
CA TRP A 61 20.82 -6.25 4.66
C TRP A 61 20.00 -6.96 3.59
N ALA A 62 19.80 -6.31 2.44
CA ALA A 62 18.92 -6.92 1.44
C ALA A 62 19.50 -8.23 0.96
N LYS A 63 20.84 -8.28 0.79
CA LYS A 63 21.45 -9.49 0.30
C LYS A 63 21.31 -10.64 1.29
N ARG A 64 21.02 -10.34 2.55
CA ARG A 64 20.80 -11.34 3.59
C ARG A 64 19.34 -11.69 3.81
N VAL A 65 18.42 -11.08 3.07
CA VAL A 65 17.01 -11.46 3.20
C VAL A 65 16.84 -12.76 2.44
N PRO A 66 16.38 -13.82 3.08
CA PRO A 66 16.34 -15.13 2.39
C PRO A 66 15.64 -15.03 1.05
N GLY A 67 16.26 -15.61 0.03
CA GLY A 67 15.69 -15.59 -1.31
C GLY A 67 16.05 -14.40 -2.18
N PHE A 68 16.50 -13.27 -1.60
CA PHE A 68 16.76 -12.08 -2.40
C PHE A 68 17.90 -12.31 -3.38
N VAL A 69 19.01 -12.93 -2.92
CA VAL A 69 20.12 -13.07 -3.87
C VAL A 69 19.91 -14.18 -4.87
N ASP A 70 18.81 -14.94 -4.74
CA ASP A 70 18.51 -15.89 -5.79
C ASP A 70 18.03 -15.21 -7.06
N LEU A 71 17.61 -13.94 -6.94
CA LEU A 71 17.12 -13.19 -8.10
C LEU A 71 18.27 -12.66 -8.96
N THR A 72 17.91 -12.29 -10.20
CA THR A 72 18.96 -11.66 -11.03
C THR A 72 19.41 -10.37 -10.36
N LEU A 73 20.62 -9.94 -10.70
CA LEU A 73 21.06 -8.60 -10.30
C LEU A 73 20.10 -7.51 -10.74
N HIS A 74 19.71 -7.53 -12.01
CA HIS A 74 18.77 -6.53 -12.53
C HIS A 74 17.51 -6.47 -11.64
N ASP A 75 16.92 -7.62 -11.30
CA ASP A 75 15.70 -7.60 -10.50
C ASP A 75 15.98 -7.13 -9.07
N GLN A 76 17.12 -7.53 -8.51
CA GLN A 76 17.49 -7.01 -7.19
C GLN A 76 17.56 -5.51 -7.20
N VAL A 77 18.18 -4.93 -8.25
CA VAL A 77 18.26 -3.47 -8.34
C VAL A 77 16.86 -2.87 -8.46
N HIS A 78 16.02 -3.46 -9.28
CA HIS A 78 14.67 -2.91 -9.45
C HIS A 78 13.91 -2.92 -8.13
N LEU A 79 14.03 -4.01 -7.37
CA LEU A 79 13.31 -4.07 -6.08
C LEU A 79 13.84 -3.04 -5.09
N LEU A 80 15.18 -2.86 -5.04
CA LEU A 80 15.74 -1.81 -4.19
C LEU A 80 15.39 -0.42 -4.69
N GLU A 81 15.41 -0.20 -6.00
CA GLU A 81 15.00 1.11 -6.50
C GLU A 81 13.59 1.43 -6.06
N SER A 82 12.73 0.42 -5.99
N SER A 82 12.69 0.45 -6.07
CA SER A 82 11.33 0.65 -5.70
CA SER A 82 11.32 0.77 -5.70
C SER A 82 11.10 0.84 -4.21
C SER A 82 11.11 0.87 -4.20
N ALA A 83 11.93 0.20 -3.39
CA ALA A 83 11.69 0.05 -1.95
C ALA A 83 12.55 0.93 -1.04
N TRP A 84 13.64 1.54 -1.53
CA TRP A 84 14.64 2.05 -0.58
C TRP A 84 14.06 3.12 0.33
N LEU A 85 13.21 4.00 -0.21
CA LEU A 85 12.69 5.06 0.65
C LEU A 85 11.70 4.50 1.66
N GLU A 86 10.82 3.59 1.22
CA GLU A 86 9.94 2.93 2.18
C GLU A 86 10.73 2.28 3.30
N ILE A 87 11.85 1.63 2.95
CA ILE A 87 12.66 0.97 3.94
C ILE A 87 13.29 1.98 4.89
N LEU A 88 13.82 3.09 4.37
CA LEU A 88 14.33 4.13 5.28
C LEU A 88 13.21 4.59 6.20
N MET A 89 12.03 4.77 5.62
CA MET A 89 10.97 5.33 6.45
C MET A 89 10.51 4.36 7.50
N ILE A 90 10.31 3.09 7.16
CA ILE A 90 9.82 2.20 8.21
C ILE A 90 10.90 2.05 9.30
N GLY A 91 12.19 2.08 8.93
CA GLY A 91 13.23 2.05 9.94
C GLY A 91 13.08 3.24 10.88
N LEU A 92 12.88 4.42 10.31
CA LEU A 92 12.71 5.64 11.10
C LEU A 92 11.52 5.51 12.02
N VAL A 93 10.40 4.98 11.50
CA VAL A 93 9.20 4.87 12.33
C VAL A 93 9.44 3.90 13.47
N TRP A 94 10.15 2.81 13.18
CA TRP A 94 10.48 1.87 14.26
C TRP A 94 11.37 2.51 15.32
N ARG A 95 12.44 3.22 14.89
CA ARG A 95 13.35 3.87 15.85
C ARG A 95 12.59 4.89 16.69
N SER A 96 11.51 5.43 16.13
CA SER A 96 10.76 6.54 16.79
C SER A 96 9.64 6.03 17.67
N MET A 97 9.37 4.73 17.64
CA MET A 97 8.13 4.21 18.25
C MET A 97 8.01 4.54 19.72
N GLU A 98 9.12 4.49 20.47
CA GLU A 98 9.09 4.75 21.90
C GLU A 98 9.30 6.21 22.27
N HIS A 99 9.16 7.11 21.31
CA HIS A 99 9.38 8.54 21.51
C HIS A 99 8.21 9.31 20.96
N PRO A 100 7.09 9.32 21.67
CA PRO A 100 5.90 10.00 21.17
C PRO A 100 6.17 11.44 20.74
N GLY A 101 5.65 11.78 19.53
CA GLY A 101 5.75 13.15 19.06
C GLY A 101 7.09 13.46 18.42
N LYS A 102 8.01 12.51 18.35
CA LYS A 102 9.35 12.81 17.85
C LYS A 102 9.77 11.81 16.80
N LEU A 103 10.67 12.23 15.93
CA LEU A 103 11.26 11.31 14.95
C LEU A 103 12.73 11.17 15.30
N LEU A 104 13.12 9.93 15.59
CA LEU A 104 14.49 9.59 15.97
C LEU A 104 15.26 9.22 14.71
N PHE A 105 15.69 10.27 13.99
CA PHE A 105 16.51 10.00 12.80
C PHE A 105 17.79 9.30 13.19
N ALA A 106 18.40 9.74 14.27
CA ALA A 106 19.54 9.09 14.89
C ALA A 106 19.44 9.36 16.38
N PRO A 107 20.22 8.66 17.18
CA PRO A 107 20.12 8.89 18.64
C PRO A 107 20.52 10.29 19.01
N ASN A 108 21.36 10.94 18.19
CA ASN A 108 21.73 12.35 18.41
C ASN A 108 21.03 13.29 17.44
N LEU A 109 19.91 12.85 16.85
CA LEU A 109 19.17 13.69 15.91
C LEU A 109 17.70 13.30 16.07
N LEU A 110 17.10 13.82 17.11
CA LEU A 110 15.73 13.51 17.48
C LEU A 110 14.95 14.81 17.32
N LEU A 111 14.04 14.84 16.36
CA LEU A 111 13.37 16.07 15.99
C LEU A 111 11.89 16.05 16.35
N ASP A 112 11.33 17.22 16.61
CA ASP A 112 9.88 17.37 16.75
C ASP A 112 9.31 18.07 15.53
N ARG A 113 7.97 18.13 15.43
CA ARG A 113 7.43 18.64 14.17
C ARG A 113 7.65 20.14 13.98
N ASN A 114 7.86 20.91 15.07
CA ASN A 114 8.16 22.33 14.88
C ASN A 114 9.51 22.51 14.20
N GLN A 115 10.45 21.59 14.42
CA GLN A 115 11.67 21.58 13.63
C GLN A 115 11.43 21.19 12.18
N GLY A 116 10.31 20.53 11.91
CA GLY A 116 9.98 20.09 10.58
C GLY A 116 9.17 21.09 9.78
N LYS A 117 9.11 22.35 10.24
CA LYS A 117 8.39 23.37 9.51
C LYS A 117 9.26 24.31 8.71
N SER A 118 10.60 24.18 8.81
CA SER A 118 11.46 25.13 8.12
C SER A 118 11.40 24.97 6.62
N VAL A 119 11.12 23.76 6.15
CA VAL A 119 11.13 23.42 4.73
C VAL A 119 9.69 23.25 4.25
N GLU A 120 9.38 23.85 3.12
CA GLU A 120 8.04 23.72 2.54
C GLU A 120 7.68 22.25 2.29
N GLY A 121 6.54 21.82 2.82
CA GLY A 121 6.06 20.47 2.62
C GLY A 121 6.62 19.42 3.56
N MET A 122 7.59 19.76 4.41
CA MET A 122 8.19 18.78 5.33
C MET A 122 7.24 18.35 6.43
N VAL A 123 6.48 19.30 7.00
CA VAL A 123 5.69 18.94 8.17
C VAL A 123 4.58 17.95 7.81
N GLU A 124 3.99 18.05 6.60
CA GLU A 124 3.00 17.06 6.17
C GLU A 124 3.57 15.66 6.22
N ILE A 125 4.79 15.48 5.72
CA ILE A 125 5.37 14.14 5.74
C ILE A 125 5.79 13.75 7.15
N PHE A 126 6.31 14.72 7.89
CA PHE A 126 6.67 14.50 9.28
C PHE A 126 5.46 13.96 10.07
N ASP A 127 4.30 14.57 9.86
CA ASP A 127 3.08 14.13 10.56
C ASP A 127 2.66 12.73 10.15
N MET A 128 2.82 12.38 8.86
CA MET A 128 2.46 11.03 8.43
C MET A 128 3.36 10.03 9.11
N LEU A 129 4.65 10.39 9.25
CA LEU A 129 5.58 9.48 9.90
C LEU A 129 5.25 9.36 11.39
N LEU A 130 4.95 10.47 12.04
CA LEU A 130 4.53 10.38 13.44
C LEU A 130 3.28 9.53 13.60
N ALA A 131 2.30 9.68 12.70
CA ALA A 131 1.09 8.82 12.78
C ALA A 131 1.40 7.33 12.67
N THR A 132 2.37 6.96 11.83
CA THR A 132 2.73 5.56 11.71
C THR A 132 3.38 5.06 12.99
N SER A 133 4.24 5.88 13.56
CA SER A 133 4.87 5.57 14.83
C SER A 133 3.82 5.35 15.91
N SER A 134 2.84 6.25 15.97
N SER A 134 2.82 6.24 15.95
CA SER A 134 1.71 6.09 16.87
CA SER A 134 1.72 6.08 16.91
C SER A 134 0.99 4.77 16.65
C SER A 134 0.97 4.77 16.66
N ARG A 135 0.71 4.45 15.38
CA ARG A 135 0.03 3.19 15.07
C ARG A 135 0.87 1.99 15.50
N PHE A 136 2.18 2.01 15.24
CA PHE A 136 3.04 0.93 15.74
C PHE A 136 2.88 0.78 17.23
N ARG A 137 2.90 1.91 17.95
CA ARG A 137 2.78 1.90 19.40
C ARG A 137 1.42 1.36 19.83
N MET A 138 0.33 1.80 19.19
CA MET A 138 -0.99 1.27 19.56
C MET A 138 -1.10 -0.24 19.33
N MET A 139 -0.43 -0.75 18.30
CA MET A 139 -0.46 -2.17 17.98
C MET A 139 0.55 -2.95 18.79
N ASN A 140 1.38 -2.26 19.56
CA ASN A 140 2.52 -2.88 20.25
C ASN A 140 3.32 -3.78 19.29
N LEU A 141 3.78 -3.18 18.18
CA LEU A 141 4.55 -3.89 17.16
C LEU A 141 5.82 -4.47 17.77
N GLN A 142 6.04 -5.77 17.56
CA GLN A 142 7.22 -6.47 18.06
C GLN A 142 8.36 -6.43 17.06
N GLY A 143 9.60 -6.48 17.58
CA GLY A 143 10.77 -6.43 16.68
C GLY A 143 10.77 -7.52 15.62
N GLU A 144 10.35 -8.73 15.99
CA GLU A 144 10.29 -9.79 15.00
C GLU A 144 9.27 -9.51 13.92
N GLU A 145 8.16 -8.85 14.28
CA GLU A 145 7.17 -8.48 13.28
C GLU A 145 7.70 -7.38 12.37
N PHE A 146 8.41 -6.43 12.95
CA PHE A 146 9.01 -5.36 12.15
C PHE A 146 9.95 -5.91 11.09
N VAL A 147 10.88 -6.81 11.45
CA VAL A 147 11.82 -7.21 10.40
C VAL A 147 11.05 -7.97 9.32
N CYS A 148 9.98 -8.70 9.68
CA CYS A 148 9.20 -9.36 8.62
C CYS A 148 8.57 -8.32 7.69
N LEU A 149 8.01 -7.25 8.25
CA LEU A 149 7.39 -6.24 7.40
C LEU A 149 8.40 -5.56 6.52
N LYS A 150 9.59 -5.26 7.05
CA LYS A 150 10.61 -4.62 6.22
C LYS A 150 11.01 -5.54 5.05
N SER A 151 11.07 -6.85 5.30
N SER A 151 11.07 -6.86 5.28
CA SER A 151 11.41 -7.78 4.21
CA SER A 151 11.42 -7.74 4.16
C SER A 151 10.29 -7.86 3.18
C SER A 151 10.28 -7.90 3.17
N ILE A 152 9.02 -7.80 3.64
CA ILE A 152 7.90 -7.74 2.68
C ILE A 152 8.02 -6.51 1.80
N ILE A 153 8.32 -5.35 2.37
CA ILE A 153 8.47 -4.15 1.56
C ILE A 153 9.51 -4.38 0.47
N LEU A 154 10.66 -4.95 0.84
CA LEU A 154 11.72 -5.16 -0.12
C LEU A 154 11.24 -6.00 -1.31
N LEU A 155 10.52 -7.09 -1.02
CA LEU A 155 10.14 -8.03 -2.09
C LEU A 155 8.89 -7.57 -2.84
N ASN A 156 8.01 -6.82 -2.18
CA ASN A 156 6.69 -6.49 -2.75
C ASN A 156 6.66 -5.18 -3.49
N SER A 157 7.45 -4.16 -3.09
CA SER A 157 7.18 -2.85 -3.65
C SER A 157 7.40 -2.77 -5.14
N GLY A 158 8.38 -3.48 -5.65
CA GLY A 158 8.60 -3.40 -7.08
C GLY A 158 8.10 -4.57 -7.89
N VAL A 159 7.37 -5.51 -7.29
CA VAL A 159 7.09 -6.76 -8.03
C VAL A 159 6.05 -6.52 -9.13
N TYR A 160 5.22 -5.47 -9.02
CA TYR A 160 4.22 -5.20 -10.06
C TYR A 160 4.75 -4.24 -11.12
N THR A 161 6.03 -3.86 -11.06
CA THR A 161 6.58 -2.94 -12.07
C THR A 161 7.78 -3.52 -12.81
N PHE A 162 7.93 -4.85 -12.86
CA PHE A 162 8.94 -5.45 -13.75
C PHE A 162 8.53 -5.25 -15.24
N THR A 166 9.17 -12.04 -19.84
CA THR A 166 10.03 -13.13 -20.30
C THR A 166 9.82 -14.33 -19.40
N LEU A 167 10.30 -15.48 -19.85
CA LEU A 167 10.20 -16.68 -19.02
C LEU A 167 11.01 -16.53 -17.74
N LYS A 168 12.17 -15.87 -17.80
CA LYS A 168 12.94 -15.62 -16.59
C LYS A 168 12.19 -14.69 -15.62
N SER A 169 11.55 -13.66 -16.15
CA SER A 169 10.77 -12.75 -15.32
C SER A 169 9.63 -13.49 -14.63
N LEU A 170 9.01 -14.44 -15.33
CA LEU A 170 7.92 -15.18 -14.72
C LEU A 170 8.42 -16.05 -13.59
N GLU A 171 9.62 -16.64 -13.76
CA GLU A 171 10.24 -17.44 -12.72
C GLU A 171 10.62 -16.58 -11.52
N GLU A 172 11.16 -15.38 -11.76
CA GLU A 172 11.50 -14.46 -10.68
C GLU A 172 10.27 -14.09 -9.88
N LYS A 173 9.18 -13.75 -10.58
CA LYS A 173 7.97 -13.34 -9.88
C LYS A 173 7.40 -14.47 -9.06
N ASP A 174 7.42 -15.69 -9.60
CA ASP A 174 6.98 -16.85 -8.82
C ASP A 174 7.82 -17.04 -7.57
N HIS A 175 9.14 -16.91 -7.71
CA HIS A 175 10.00 -17.00 -6.54
C HIS A 175 9.68 -15.92 -5.51
N ILE A 176 9.53 -14.65 -5.94
CA ILE A 176 9.23 -13.56 -5.00
C ILE A 176 7.94 -13.86 -4.25
N HIS A 177 6.93 -14.35 -4.97
CA HIS A 177 5.66 -14.64 -4.29
C HIS A 177 5.80 -15.81 -3.34
N ARG A 178 6.68 -16.75 -3.62
CA ARG A 178 6.92 -17.85 -2.66
C ARG A 178 7.64 -17.37 -1.41
N VAL A 179 8.61 -16.48 -1.55
CA VAL A 179 9.29 -15.93 -0.40
C VAL A 179 8.32 -15.08 0.41
N LEU A 180 7.48 -14.29 -0.28
CA LEU A 180 6.45 -13.52 0.44
C LEU A 180 5.52 -14.45 1.22
N ASP A 181 5.13 -15.59 0.63
CA ASP A 181 4.27 -16.54 1.35
C ASP A 181 4.97 -17.08 2.59
N LYS A 182 6.29 -17.32 2.51
CA LYS A 182 6.91 -17.86 3.72
C LYS A 182 7.06 -16.78 4.79
N ILE A 183 7.22 -15.51 4.37
CA ILE A 183 7.20 -14.46 5.38
C ILE A 183 5.81 -14.34 6.01
N THR A 184 4.75 -14.44 5.20
CA THR A 184 3.41 -14.51 5.81
C THR A 184 3.31 -15.64 6.84
N ASP A 185 3.76 -16.84 6.47
CA ASP A 185 3.76 -17.96 7.41
C ASP A 185 4.55 -17.64 8.66
N THR A 186 5.62 -16.87 8.51
CA THR A 186 6.46 -16.51 9.66
C THR A 186 5.74 -15.55 10.57
N LEU A 187 5.05 -14.55 9.98
CA LEU A 187 4.30 -13.60 10.79
C LEU A 187 3.22 -14.34 11.57
N ILE A 188 2.55 -15.30 10.92
CA ILE A 188 1.50 -16.03 11.59
C ILE A 188 2.07 -16.86 12.73
N HIS A 189 3.19 -17.52 12.46
CA HIS A 189 3.90 -18.29 13.50
C HIS A 189 4.25 -17.43 14.72
N LEU A 190 4.77 -16.22 14.47
CA LEU A 190 5.09 -15.29 15.57
C LEU A 190 3.86 -14.98 16.40
N MET A 191 2.75 -14.73 15.72
CA MET A 191 1.53 -14.36 16.43
C MET A 191 0.91 -15.56 17.17
N ALA A 192 0.94 -16.75 16.56
CA ALA A 192 0.50 -17.97 17.26
C ALA A 192 1.33 -18.20 18.52
N LYS A 193 2.66 -18.07 18.37
CA LYS A 193 3.59 -18.26 19.49
C LYS A 193 3.32 -17.26 20.60
N ALA A 194 2.91 -16.06 20.26
CA ALA A 194 2.51 -15.03 21.20
C ALA A 194 1.17 -15.32 21.87
N GLY A 195 0.45 -16.37 21.46
CA GLY A 195 -0.79 -16.73 22.13
C GLY A 195 -2.07 -16.12 21.58
N LEU A 196 -2.02 -15.46 20.43
CA LEU A 196 -3.24 -14.94 19.82
C LEU A 196 -4.10 -16.07 19.26
N THR A 197 -5.42 -15.88 19.30
CA THR A 197 -6.34 -16.81 18.64
C THR A 197 -6.15 -16.74 17.12
N LEU A 198 -6.70 -17.74 16.41
CA LEU A 198 -6.67 -17.71 14.95
C LEU A 198 -7.33 -16.45 14.40
N GLN A 199 -8.51 -16.10 14.95
CA GLN A 199 -9.15 -14.82 14.60
C GLN A 199 -8.23 -13.63 14.79
N GLN A 200 -7.56 -13.56 15.95
CA GLN A 200 -6.68 -12.42 16.24
C GLN A 200 -5.46 -12.44 15.35
N GLN A 201 -4.99 -13.63 14.97
CA GLN A 201 -3.85 -13.76 14.07
C GLN A 201 -4.19 -13.20 12.71
N HIS A 202 -5.32 -13.62 12.10
CA HIS A 202 -5.58 -13.05 10.78
C HIS A 202 -5.92 -11.57 10.87
N GLN A 203 -6.60 -11.16 11.94
CA GLN A 203 -6.88 -9.73 12.10
C GLN A 203 -5.59 -8.91 12.22
N ARG A 204 -4.59 -9.39 13.01
CA ARG A 204 -3.36 -8.64 13.16
C ARG A 204 -2.53 -8.66 11.88
N LEU A 205 -2.50 -9.82 11.19
CA LEU A 205 -1.79 -9.87 9.90
C LEU A 205 -2.33 -8.79 8.98
N ALA A 206 -3.66 -8.68 8.90
CA ALA A 206 -4.29 -7.68 8.04
C ALA A 206 -3.92 -6.27 8.50
N GLN A 207 -4.01 -6.01 9.81
CA GLN A 207 -3.64 -4.68 10.32
C GLN A 207 -2.21 -4.33 9.94
N LEU A 208 -1.31 -5.29 10.09
CA LEU A 208 0.10 -5.02 9.78
C LEU A 208 0.27 -4.73 8.29
N LEU A 209 -0.33 -5.58 7.44
CA LEU A 209 -0.14 -5.39 6.01
C LEU A 209 -0.82 -4.12 5.50
N LEU A 210 -1.88 -3.67 6.16
CA LEU A 210 -2.51 -2.44 5.69
C LEU A 210 -1.63 -1.23 6.00
N ILE A 211 -0.81 -1.30 7.04
CA ILE A 211 0.14 -0.21 7.34
C ILE A 211 1.10 -0.06 6.19
N LEU A 212 1.39 -1.15 5.45
CA LEU A 212 2.29 -1.05 4.31
C LEU A 212 1.72 -0.18 3.20
N SER A 213 0.39 -0.10 3.09
N SER A 213 0.39 -0.09 3.07
CA SER A 213 -0.22 0.82 2.13
CA SER A 213 -0.14 0.84 2.07
C SER A 213 0.09 2.24 2.52
C SER A 213 0.08 2.27 2.51
N HIS A 214 0.03 2.54 3.81
CA HIS A 214 0.35 3.91 4.27
C HIS A 214 1.84 4.21 4.04
N ILE A 215 2.70 3.23 4.30
CA ILE A 215 4.12 3.46 4.06
C ILE A 215 4.40 3.71 2.58
N ARG A 216 3.73 2.96 1.68
CA ARG A 216 3.85 3.29 0.25
C ARG A 216 3.43 4.72 -0.01
N HIS A 217 2.26 5.14 0.53
CA HIS A 217 1.81 6.50 0.32
C HIS A 217 2.84 7.52 0.81
N MET A 218 3.42 7.28 1.99
CA MET A 218 4.40 8.20 2.54
C MET A 218 5.64 8.26 1.63
N SER A 219 6.04 7.12 1.07
N SER A 219 6.04 7.12 1.07
CA SER A 219 7.21 7.13 0.18
CA SER A 219 7.22 7.16 0.21
C SER A 219 6.93 7.93 -1.08
C SER A 219 6.94 7.94 -1.08
N ASN A 220 5.74 7.80 -1.65
CA ASN A 220 5.44 8.59 -2.83
C ASN A 220 5.41 10.07 -2.53
N LYS A 221 4.79 10.43 -1.42
CA LYS A 221 4.79 11.87 -1.05
C LYS A 221 6.21 12.34 -0.77
N GLY A 222 7.00 11.49 -0.12
CA GLY A 222 8.39 11.82 0.20
C GLY A 222 9.21 12.00 -1.05
N MET A 223 8.97 11.15 -2.06
CA MET A 223 9.70 11.21 -3.36
C MET A 223 9.41 12.58 -3.99
N GLU A 224 8.15 13.02 -3.95
CA GLU A 224 7.78 14.34 -4.50
C GLU A 224 8.50 15.41 -3.71
N HIS A 225 8.55 15.30 -2.38
CA HIS A 225 9.21 16.31 -1.56
C HIS A 225 10.71 16.39 -1.84
N LEU A 226 11.37 15.23 -1.95
CA LEU A 226 12.81 15.24 -2.27
C LEU A 226 13.09 15.91 -3.63
N TYR A 227 12.27 15.63 -4.65
CA TYR A 227 12.45 16.28 -5.94
C TYR A 227 12.13 17.77 -5.87
N SER A 228 11.26 18.17 -4.94
CA SER A 228 10.97 19.60 -4.81
C SER A 228 12.17 20.38 -4.30
N MET A 229 13.15 19.71 -3.74
CA MET A 229 14.24 20.43 -3.08
C MET A 229 15.44 20.59 -3.99
N LYS A 230 15.71 19.65 -4.89
CA LYS A 230 16.90 19.75 -5.75
C LYS A 230 16.71 18.92 -6.99
N VAL A 234 19.07 13.43 -6.37
CA VAL A 234 18.46 13.38 -5.04
C VAL A 234 17.96 11.96 -4.73
N VAL A 235 18.03 11.05 -5.69
CA VAL A 235 17.73 9.64 -5.43
C VAL A 235 18.95 8.82 -5.81
N PRO A 236 19.09 7.61 -5.26
CA PRO A 236 20.06 6.67 -5.82
C PRO A 236 19.70 6.29 -7.25
N SER A 237 20.65 6.46 -8.19
CA SER A 237 20.41 6.02 -9.56
C SER A 237 20.37 4.50 -9.62
N TYR A 238 19.70 3.98 -10.66
CA TYR A 238 19.79 2.56 -10.94
C TYR A 238 21.24 2.11 -10.96
N ASP A 239 22.11 2.88 -11.63
CA ASP A 239 23.50 2.50 -11.74
C ASP A 239 24.23 2.56 -10.40
N LEU A 240 23.92 3.53 -9.55
CA LEU A 240 24.52 3.54 -8.23
C LEU A 240 24.09 2.31 -7.44
N LEU A 241 22.79 2.02 -7.45
CA LEU A 241 22.33 0.85 -6.71
C LEU A 241 22.96 -0.41 -7.27
N LEU A 242 23.08 -0.48 -8.62
CA LEU A 242 23.70 -1.64 -9.25
C LEU A 242 25.17 -1.77 -8.83
N GLU A 243 25.90 -0.65 -8.77
CA GLU A 243 27.29 -0.70 -8.31
C GLU A 243 27.41 -1.31 -6.91
N MET A 244 26.53 -0.92 -5.95
CA MET A 244 26.69 -1.48 -4.62
C MET A 244 26.24 -2.91 -4.53
N LEU A 245 25.22 -3.26 -5.31
CA LEU A 245 24.74 -4.62 -5.26
C LEU A 245 25.61 -5.56 -6.09
N ASP A 246 26.28 -5.04 -7.13
CA ASP A 246 27.01 -5.86 -8.10
C ASP A 246 28.42 -6.09 -7.53
N ALA A 247 28.51 -6.92 -6.51
CA ALA A 247 29.81 -7.07 -5.87
C ALA A 247 30.69 -8.10 -6.58
N HIS A 248 32.02 -7.95 -6.42
CA HIS A 248 32.88 -9.04 -6.83
C HIS A 248 33.04 -10.04 -5.69
N ARG A 249 33.80 -11.13 -5.93
CA ARG A 249 34.07 -12.13 -4.91
C ARG A 249 35.54 -12.14 -4.50
N LEU A 250 36.18 -10.98 -4.53
CA LEU A 250 37.62 -10.90 -4.33
C LEU A 250 37.99 -10.60 -2.87
N HIS A 251 37.01 -10.28 -2.02
CA HIS A 251 37.31 -9.99 -0.62
C HIS A 251 37.17 -11.23 0.28
N LEU B 7 -24.36 -1.61 15.41
CA LEU B 7 -25.32 -2.57 14.89
C LEU B 7 -24.79 -3.29 13.64
N ALA B 8 -24.03 -2.57 12.80
CA ALA B 8 -23.41 -3.21 11.65
C ALA B 8 -22.31 -4.20 12.04
N LEU B 9 -21.65 -3.98 13.16
CA LEU B 9 -20.63 -4.92 13.59
C LEU B 9 -21.21 -6.26 14.06
N SER B 10 -22.54 -6.42 14.02
CA SER B 10 -23.18 -7.66 14.45
C SER B 10 -23.60 -8.55 13.27
N LEU B 11 -23.39 -8.11 12.03
CA LEU B 11 -23.62 -9.00 10.90
C LEU B 11 -22.66 -10.19 10.94
N THR B 12 -23.16 -11.33 10.50
CA THR B 12 -22.35 -12.50 10.19
C THR B 12 -21.53 -12.27 8.92
N ALA B 13 -20.50 -13.10 8.74
CA ALA B 13 -19.68 -12.97 7.53
C ALA B 13 -20.56 -13.12 6.29
N ASP B 14 -21.48 -14.07 6.29
CA ASP B 14 -22.33 -14.25 5.11
C ASP B 14 -23.21 -13.02 4.90
N GLN B 15 -23.74 -12.45 5.98
CA GLN B 15 -24.51 -11.22 5.87
C GLN B 15 -23.66 -10.07 5.38
N MET B 16 -22.39 -10.03 5.77
CA MET B 16 -21.53 -8.94 5.31
C MET B 16 -21.30 -9.06 3.79
N VAL B 17 -21.06 -10.28 3.30
CA VAL B 17 -20.84 -10.51 1.89
C VAL B 17 -22.08 -10.13 1.09
N SER B 18 -23.24 -10.60 1.54
CA SER B 18 -24.49 -10.30 0.83
CA SER B 18 -24.50 -10.30 0.84
C SER B 18 -24.72 -8.80 0.75
N ALA B 19 -24.48 -8.07 1.86
CA ALA B 19 -24.66 -6.62 1.86
C ALA B 19 -23.72 -5.96 0.86
N LEU B 20 -22.46 -6.38 0.85
CA LEU B 20 -21.53 -5.76 -0.08
C LEU B 20 -21.88 -6.09 -1.53
N LEU B 21 -22.28 -7.34 -1.81
CA LEU B 21 -22.65 -7.66 -3.17
C LEU B 21 -23.86 -6.84 -3.60
N ASP B 22 -24.84 -6.70 -2.71
CA ASP B 22 -26.02 -5.91 -3.08
C ASP B 22 -25.70 -4.44 -3.29
N ALA B 23 -24.71 -3.90 -2.57
CA ALA B 23 -24.33 -2.50 -2.70
C ALA B 23 -23.56 -2.16 -3.97
N GLU B 24 -23.22 -3.15 -4.81
CA GLU B 24 -22.29 -2.91 -5.92
C GLU B 24 -22.86 -1.82 -6.82
N PRO B 25 -22.05 -0.87 -7.29
CA PRO B 25 -22.53 0.16 -8.22
C PRO B 25 -22.71 -0.41 -9.62
N PRO B 26 -23.48 0.27 -10.46
CA PRO B 26 -23.64 -0.17 -11.84
C PRO B 26 -22.38 0.11 -12.65
N ILE B 27 -22.30 -0.53 -13.80
CA ILE B 27 -21.27 -0.23 -14.78
C ILE B 27 -21.80 0.85 -15.68
N LEU B 28 -21.10 1.97 -15.73
CA LEU B 28 -21.54 3.09 -16.55
C LEU B 28 -20.89 3.05 -17.93
N TYR B 29 -21.53 3.74 -18.87
CA TYR B 29 -21.02 3.89 -20.22
C TYR B 29 -20.32 5.23 -20.39
N SER B 30 -19.35 5.25 -21.30
CA SER B 30 -18.81 6.51 -21.78
C SER B 30 -19.86 7.30 -22.55
N GLU B 31 -19.73 8.63 -22.53
CA GLU B 31 -20.76 9.48 -23.13
C GLU B 31 -20.31 9.98 -24.49
N TYR B 32 -19.67 9.09 -25.25
CA TYR B 32 -19.34 9.36 -26.64
C TYR B 32 -20.46 8.85 -27.54
N ASP B 33 -20.76 9.62 -28.58
CA ASP B 33 -21.63 9.16 -29.65
C ASP B 33 -20.88 8.14 -30.49
N PRO B 34 -21.23 6.85 -30.42
CA PRO B 34 -20.50 5.85 -31.21
C PRO B 34 -20.66 5.99 -32.72
N THR B 35 -21.46 6.95 -33.22
CA THR B 35 -21.51 7.24 -34.64
C THR B 35 -20.44 8.24 -35.09
N ARG B 36 -19.87 8.99 -34.15
CA ARG B 36 -18.88 10.05 -34.49
C ARG B 36 -17.43 9.57 -34.41
N PRO B 37 -16.48 10.26 -35.08
CA PRO B 37 -15.06 9.92 -35.05
C PRO B 37 -14.46 9.84 -33.64
N PHE B 38 -13.53 8.91 -33.44
CA PHE B 38 -12.88 8.75 -32.11
C PHE B 38 -11.51 9.43 -32.18
N SER B 39 -11.00 10.04 -31.10
CA SER B 39 -9.67 10.68 -31.17
C SER B 39 -8.96 10.68 -29.82
N SER B 42 -9.78 13.84 -27.38
CA SER B 42 -10.99 13.81 -26.57
C SER B 42 -10.95 12.70 -25.51
N MET B 43 -10.02 11.77 -25.59
CA MET B 43 -9.97 10.63 -24.65
C MET B 43 -9.99 11.15 -23.22
N MET B 44 -9.12 12.10 -22.88
CA MET B 44 -9.16 12.49 -21.48
C MET B 44 -10.51 13.12 -21.09
N GLY B 45 -11.16 13.85 -21.99
CA GLY B 45 -12.48 14.37 -21.67
C GLY B 45 -13.50 13.28 -21.40
N LEU B 46 -13.51 12.25 -22.23
CA LEU B 46 -14.42 11.12 -22.03
C LEU B 46 -14.14 10.42 -20.70
N LEU B 47 -12.84 10.17 -20.40
CA LEU B 47 -12.47 9.45 -19.19
C LEU B 47 -12.81 10.29 -17.96
N THR B 48 -12.56 11.61 -18.03
CA THR B 48 -12.87 12.46 -16.88
C THR B 48 -14.36 12.50 -16.62
N ASN B 49 -15.13 12.61 -17.70
CA ASN B 49 -16.59 12.63 -17.55
C ASN B 49 -17.11 11.32 -16.98
N LEU B 50 -16.56 10.19 -17.41
CA LEU B 50 -16.96 8.88 -16.87
C LEU B 50 -16.65 8.81 -15.37
N ALA B 51 -15.44 9.22 -14.99
CA ALA B 51 -15.05 9.24 -13.59
C ALA B 51 -16.00 10.10 -12.77
N ASP B 52 -16.36 11.27 -13.30
CA ASP B 52 -17.25 12.17 -12.55
C ASP B 52 -18.59 11.49 -12.31
N ARG B 53 -19.11 10.81 -13.32
CA ARG B 53 -20.42 10.15 -13.13
C ARG B 53 -20.30 8.94 -12.21
N GLU B 54 -19.13 8.29 -12.23
CA GLU B 54 -18.88 7.07 -11.41
C GLU B 54 -18.69 7.44 -9.93
N LEU B 55 -18.49 8.73 -9.62
CA LEU B 55 -18.29 9.16 -8.22
C LEU B 55 -19.60 9.12 -7.45
N VAL B 56 -20.68 9.57 -8.07
CA VAL B 56 -21.98 9.58 -7.39
C VAL B 56 -22.37 8.16 -6.95
N HIS B 57 -22.20 7.22 -7.84
CA HIS B 57 -22.56 5.82 -7.54
C HIS B 57 -21.63 5.25 -6.47
N MET B 58 -20.37 5.71 -6.49
CA MET B 58 -19.38 5.29 -5.47
C MET B 58 -19.87 5.75 -4.10
N ILE B 59 -20.37 6.98 -4.03
CA ILE B 59 -20.88 7.50 -2.75
C ILE B 59 -22.05 6.65 -2.29
N ASN B 60 -22.96 6.33 -3.22
CA ASN B 60 -24.11 5.51 -2.83
C ASN B 60 -23.68 4.15 -2.33
N TRP B 61 -22.68 3.57 -3.00
CA TRP B 61 -22.07 2.31 -2.55
C TRP B 61 -21.51 2.45 -1.15
N ALA B 62 -20.72 3.52 -0.92
CA ALA B 62 -20.03 3.69 0.38
C ALA B 62 -21.04 3.72 1.50
N LYS B 63 -22.18 4.37 1.24
CA LYS B 63 -23.18 4.46 2.29
C LYS B 63 -23.77 3.10 2.65
N ARG B 64 -23.60 2.09 1.82
CA ARG B 64 -24.10 0.75 2.11
C ARG B 64 -23.02 -0.19 2.65
N VAL B 65 -21.77 0.25 2.76
CA VAL B 65 -20.72 -0.59 3.35
C VAL B 65 -21.01 -0.62 4.85
N PRO B 66 -21.29 -1.78 5.45
CA PRO B 66 -21.70 -1.80 6.86
C PRO B 66 -20.68 -1.08 7.74
N GLY B 67 -21.21 -0.19 8.61
CA GLY B 67 -20.38 0.60 9.46
C GLY B 67 -20.01 1.97 8.93
N PHE B 68 -20.03 2.17 7.61
CA PHE B 68 -19.57 3.47 7.09
C PHE B 68 -20.41 4.64 7.63
N VAL B 69 -21.73 4.49 7.62
CA VAL B 69 -22.59 5.63 7.97
C VAL B 69 -22.69 5.86 9.47
N ASP B 70 -22.05 5.00 10.29
CA ASP B 70 -21.97 5.31 11.72
C ASP B 70 -20.92 6.37 12.01
N LEU B 71 -20.02 6.64 11.07
CA LEU B 71 -19.09 7.77 11.13
C LEU B 71 -19.79 9.11 10.96
N THR B 72 -19.17 10.18 11.47
CA THR B 72 -19.70 11.51 11.18
C THR B 72 -19.60 11.79 9.69
N LEU B 73 -20.44 12.72 9.22
CA LEU B 73 -20.36 13.06 7.80
C LEU B 73 -18.99 13.62 7.46
N HIS B 74 -18.43 14.38 8.37
CA HIS B 74 -17.09 14.93 8.17
C HIS B 74 -16.10 13.80 7.92
N ASP B 75 -16.16 12.72 8.73
CA ASP B 75 -15.21 11.63 8.53
C ASP B 75 -15.55 10.80 7.30
N GLN B 76 -16.82 10.63 6.98
CA GLN B 76 -17.18 9.99 5.71
C GLN B 76 -16.55 10.72 4.55
N VAL B 77 -16.66 12.05 4.54
CA VAL B 77 -16.11 12.82 3.43
C VAL B 77 -14.60 12.65 3.35
N HIS B 78 -13.90 12.74 4.49
N HIS B 78 -13.91 12.70 4.49
CA HIS B 78 -12.45 12.51 4.50
CA HIS B 78 -12.45 12.54 4.49
C HIS B 78 -12.11 11.17 3.86
C HIS B 78 -12.03 11.16 3.99
N LEU B 79 -12.80 10.12 4.30
CA LEU B 79 -12.44 8.80 3.79
C LEU B 79 -12.66 8.75 2.27
N LEU B 80 -13.74 9.35 1.80
CA LEU B 80 -13.97 9.36 0.35
C LEU B 80 -12.90 10.17 -0.35
N GLU B 81 -12.50 11.31 0.24
CA GLU B 81 -11.47 12.13 -0.36
C GLU B 81 -10.22 11.31 -0.55
N SER B 82 -9.88 10.49 0.46
N SER B 82 -9.91 10.45 0.43
CA SER B 82 -8.65 9.72 0.40
CA SER B 82 -8.66 9.71 0.41
C SER B 82 -8.75 8.54 -0.56
C SER B 82 -8.73 8.49 -0.50
N ALA B 83 -9.93 7.95 -0.70
CA ALA B 83 -10.06 6.64 -1.33
C ALA B 83 -10.56 6.67 -2.76
N TRP B 84 -11.19 7.77 -3.20
CA TRP B 84 -12.02 7.68 -4.41
C TRP B 84 -11.20 7.22 -5.63
N LEU B 85 -9.96 7.69 -5.78
CA LEU B 85 -9.23 7.30 -7.00
C LEU B 85 -8.83 5.84 -6.93
N GLU B 86 -8.39 5.36 -5.74
CA GLU B 86 -8.11 3.93 -5.60
C GLU B 86 -9.34 3.10 -5.91
N ILE B 87 -10.51 3.56 -5.45
CA ILE B 87 -11.71 2.78 -5.74
C ILE B 87 -12.05 2.75 -7.24
N LEU B 88 -11.91 3.88 -7.93
CA LEU B 88 -12.11 3.89 -9.38
C LEU B 88 -11.13 2.95 -10.05
N MET B 89 -9.84 2.97 -9.59
CA MET B 89 -8.87 2.10 -10.20
C MET B 89 -9.17 0.61 -9.98
N ILE B 90 -9.51 0.21 -8.75
CA ILE B 90 -9.70 -1.23 -8.55
C ILE B 90 -10.94 -1.71 -9.30
N GLY B 91 -11.98 -0.88 -9.40
CA GLY B 91 -13.13 -1.20 -10.24
C GLY B 91 -12.72 -1.39 -11.69
N LEU B 92 -11.83 -0.51 -12.16
CA LEU B 92 -11.39 -0.65 -13.55
C LEU B 92 -10.62 -1.97 -13.74
N VAL B 93 -9.71 -2.25 -12.80
CA VAL B 93 -8.95 -3.49 -12.92
C VAL B 93 -9.88 -4.69 -12.89
N TRP B 94 -10.85 -4.70 -11.99
CA TRP B 94 -11.79 -5.83 -11.88
C TRP B 94 -12.51 -6.06 -13.21
N ARG B 95 -13.00 -4.99 -13.79
CA ARG B 95 -13.76 -5.18 -15.05
C ARG B 95 -12.87 -5.51 -16.24
N SER B 96 -11.57 -5.24 -16.15
CA SER B 96 -10.59 -5.53 -17.20
C SER B 96 -9.96 -6.93 -17.04
N MET B 97 -10.30 -7.70 -16.02
CA MET B 97 -9.60 -8.95 -15.77
C MET B 97 -9.66 -9.88 -16.97
N GLU B 98 -10.86 -10.04 -17.52
CA GLU B 98 -11.04 -10.96 -18.64
C GLU B 98 -10.73 -10.33 -19.99
N HIS B 99 -9.93 -9.25 -20.00
CA HIS B 99 -9.54 -8.57 -21.24
C HIS B 99 -8.04 -8.34 -21.23
N PRO B 100 -7.26 -9.43 -21.28
CA PRO B 100 -5.80 -9.30 -21.19
C PRO B 100 -5.26 -8.21 -22.10
N GLY B 101 -4.38 -7.36 -21.55
CA GLY B 101 -3.72 -6.32 -22.32
C GLY B 101 -4.56 -5.09 -22.59
N LYS B 102 -5.80 -5.07 -22.12
CA LYS B 102 -6.69 -3.93 -22.35
C LYS B 102 -7.33 -3.47 -21.05
N LEU B 103 -7.86 -2.25 -21.10
CA LEU B 103 -8.55 -1.68 -19.95
C LEU B 103 -9.98 -1.34 -20.36
N LEU B 104 -10.94 -1.96 -19.68
CA LEU B 104 -12.36 -1.79 -20.01
C LEU B 104 -12.92 -0.64 -19.20
N PHE B 105 -12.62 0.59 -19.64
CA PHE B 105 -13.11 1.76 -18.90
C PHE B 105 -14.62 1.77 -18.83
N ALA B 106 -15.26 1.38 -19.94
CA ALA B 106 -16.71 1.23 -20.06
C ALA B 106 -16.94 0.15 -21.10
N PRO B 107 -18.15 -0.40 -21.17
CA PRO B 107 -18.42 -1.46 -22.15
C PRO B 107 -18.22 -0.99 -23.58
N ASN B 108 -18.37 0.31 -23.83
CA ASN B 108 -18.13 0.95 -25.13
C ASN B 108 -16.79 1.69 -25.18
N LEU B 109 -15.87 1.41 -24.26
CA LEU B 109 -14.64 2.17 -24.21
C LEU B 109 -13.54 1.26 -23.67
N LEU B 110 -13.15 0.34 -24.54
CA LEU B 110 -12.07 -0.60 -24.26
C LEU B 110 -10.81 -0.12 -24.98
N LEU B 111 -9.75 0.17 -24.23
CA LEU B 111 -8.52 0.72 -24.77
C LEU B 111 -7.37 -0.25 -24.55
N ASP B 112 -6.44 -0.26 -25.49
CA ASP B 112 -5.21 -1.06 -25.30
C ASP B 112 -4.07 -0.09 -24.99
N ARG B 113 -2.90 -0.61 -24.66
CA ARG B 113 -1.79 0.27 -24.21
C ARG B 113 -1.30 1.24 -25.29
N ASN B 114 -1.43 0.87 -26.55
CA ASN B 114 -1.03 1.72 -27.70
C ASN B 114 -1.92 2.96 -27.78
N GLN B 115 -3.16 2.87 -27.31
CA GLN B 115 -4.04 4.05 -27.29
C GLN B 115 -3.60 4.92 -26.12
N GLU B 120 1.46 11.87 -22.58
CA GLU B 120 2.76 11.76 -21.87
C GLU B 120 2.52 11.32 -20.41
N GLY B 121 3.13 10.21 -20.02
CA GLY B 121 3.04 9.64 -18.66
C GLY B 121 1.82 8.74 -18.50
N MET B 122 1.03 8.57 -19.57
CA MET B 122 -0.20 7.77 -19.49
C MET B 122 0.15 6.29 -19.53
N VAL B 123 1.06 5.91 -20.43
CA VAL B 123 1.34 4.45 -20.55
C VAL B 123 1.93 3.87 -19.26
N GLU B 124 2.71 4.64 -18.52
CA GLU B 124 3.27 4.13 -17.25
C GLU B 124 2.15 3.69 -16.32
N ILE B 125 1.13 4.50 -16.18
CA ILE B 125 -0.01 4.12 -15.29
C ILE B 125 -0.88 3.06 -15.94
N PHE B 126 -1.01 3.11 -17.27
CA PHE B 126 -1.79 2.08 -18.00
C PHE B 126 -1.17 0.70 -17.72
N ASP B 127 0.16 0.65 -17.81
CA ASP B 127 0.89 -0.61 -17.58
C ASP B 127 0.71 -1.09 -16.14
N MET B 128 0.67 -0.17 -15.19
CA MET B 128 0.51 -0.59 -13.79
C MET B 128 -0.88 -1.20 -13.62
N LEU B 129 -1.89 -0.58 -14.24
CA LEU B 129 -3.26 -1.12 -14.11
C LEU B 129 -3.35 -2.47 -14.80
N LEU B 130 -2.70 -2.59 -15.96
CA LEU B 130 -2.72 -3.90 -16.67
C LEU B 130 -2.05 -4.97 -15.80
N ALA B 131 -0.96 -4.62 -15.14
CA ALA B 131 -0.25 -5.56 -14.26
C ALA B 131 -1.14 -5.98 -13.09
N THR B 132 -1.98 -5.07 -12.58
CA THR B 132 -2.89 -5.45 -11.47
C THR B 132 -3.97 -6.40 -11.99
N SER B 133 -4.49 -6.14 -13.19
CA SER B 133 -5.53 -7.03 -13.76
C SER B 133 -4.95 -8.43 -13.90
N SER B 134 -3.73 -8.50 -14.43
N SER B 134 -3.73 -8.50 -14.44
CA SER B 134 -3.05 -9.80 -14.63
CA SER B 134 -3.02 -9.78 -14.66
C SER B 134 -2.81 -10.51 -13.31
C SER B 134 -2.81 -10.51 -13.32
N ARG B 135 -2.50 -9.77 -12.27
CA ARG B 135 -2.28 -10.38 -10.94
C ARG B 135 -3.62 -10.93 -10.46
N PHE B 136 -4.68 -10.14 -10.64
CA PHE B 136 -6.02 -10.62 -10.25
C PHE B 136 -6.37 -11.89 -11.04
N ARG B 137 -6.07 -11.90 -12.34
CA ARG B 137 -6.33 -13.08 -13.19
C ARG B 137 -5.46 -14.25 -12.68
N MET B 138 -4.19 -14.04 -12.36
CA MET B 138 -3.33 -15.14 -11.84
C MET B 138 -3.94 -15.68 -10.53
N MET B 139 -4.44 -14.82 -9.65
CA MET B 139 -4.97 -15.33 -8.36
C MET B 139 -6.40 -15.84 -8.47
N ASN B 140 -7.04 -15.69 -9.62
CA ASN B 140 -8.47 -16.07 -9.76
C ASN B 140 -9.30 -15.31 -8.71
N LEU B 141 -9.11 -14.00 -8.65
CA LEU B 141 -9.86 -13.18 -7.66
C LEU B 141 -11.36 -13.36 -7.88
N GLN B 142 -12.08 -13.61 -6.81
CA GLN B 142 -13.53 -13.82 -6.86
C GLN B 142 -14.26 -12.52 -6.56
N GLY B 143 -15.49 -12.41 -7.05
CA GLY B 143 -16.28 -11.19 -6.82
C GLY B 143 -16.50 -10.91 -5.36
N GLU B 144 -16.72 -11.95 -4.56
CA GLU B 144 -16.91 -11.81 -3.11
C GLU B 144 -15.64 -11.21 -2.47
N GLU B 145 -14.47 -11.60 -2.97
CA GLU B 145 -13.19 -11.07 -2.45
C GLU B 145 -13.01 -9.61 -2.89
N PHE B 146 -13.31 -9.35 -4.13
CA PHE B 146 -13.17 -7.98 -4.69
C PHE B 146 -14.00 -6.99 -3.88
N VAL B 147 -15.23 -7.34 -3.52
CA VAL B 147 -16.06 -6.33 -2.79
C VAL B 147 -15.50 -6.09 -1.39
N CYS B 148 -14.91 -7.09 -0.79
CA CYS B 148 -14.26 -6.91 0.52
C CYS B 148 -13.03 -5.99 0.35
N LEU B 149 -12.24 -6.23 -0.69
CA LEU B 149 -11.04 -5.40 -0.92
C LEU B 149 -11.43 -3.93 -1.13
N LYS B 150 -12.47 -3.72 -1.93
CA LYS B 150 -12.93 -2.32 -2.19
C LYS B 150 -13.38 -1.66 -0.89
N SER B 151 -14.06 -2.41 -0.03
CA SER B 151 -14.51 -1.85 1.25
C SER B 151 -13.30 -1.54 2.14
N ILE B 152 -12.27 -2.36 2.06
CA ILE B 152 -11.07 -2.08 2.89
C ILE B 152 -10.41 -0.79 2.39
N ILE B 153 -10.33 -0.60 1.08
CA ILE B 153 -9.73 0.67 0.57
C ILE B 153 -10.52 1.86 1.12
N LEU B 154 -11.84 1.80 1.08
CA LEU B 154 -12.64 2.93 1.59
C LEU B 154 -12.31 3.24 3.05
N LEU B 155 -12.23 2.22 3.88
CA LEU B 155 -12.02 2.50 5.32
C LEU B 155 -10.56 2.74 5.68
N ASN B 156 -9.64 2.19 4.92
CA ASN B 156 -8.23 2.29 5.34
C ASN B 156 -7.51 3.44 4.66
N SER B 157 -7.96 3.94 3.52
CA SER B 157 -7.07 4.91 2.83
C SER B 157 -6.91 6.22 3.61
N GLY B 158 -7.93 6.66 4.32
CA GLY B 158 -7.79 7.93 5.04
C GLY B 158 -7.65 7.78 6.55
N VAL B 159 -7.51 6.58 7.07
CA VAL B 159 -7.51 6.38 8.55
C VAL B 159 -6.25 6.92 9.23
N TYR B 160 -5.11 6.95 8.57
CA TYR B 160 -3.89 7.43 9.28
C TYR B 160 -3.71 8.93 9.06
N THR B 161 -4.41 9.50 8.10
CA THR B 161 -4.21 10.92 7.75
C THR B 161 -5.37 11.82 8.26
N PHE B 162 -5.99 11.45 9.35
CA PHE B 162 -7.02 12.33 9.92
C PHE B 162 -6.27 13.46 10.66
N LYS B 173 -11.72 6.40 14.84
CA LYS B 173 -10.67 5.49 14.33
C LYS B 173 -10.93 4.09 14.88
N ASP B 174 -11.28 4.02 16.15
CA ASP B 174 -11.60 2.70 16.74
C ASP B 174 -12.74 2.01 15.98
N HIS B 175 -13.78 2.73 15.61
CA HIS B 175 -14.89 2.09 14.87
C HIS B 175 -14.37 1.63 13.50
N ILE B 176 -13.61 2.47 12.82
CA ILE B 176 -13.02 2.07 11.50
C ILE B 176 -12.24 0.76 11.64
N HIS B 177 -11.39 0.67 12.65
CA HIS B 177 -10.61 -0.57 12.83
C HIS B 177 -11.51 -1.76 13.13
N ARG B 178 -12.59 -1.58 13.85
CA ARG B 178 -13.48 -2.74 14.11
C ARG B 178 -14.15 -3.16 12.79
N VAL B 179 -14.50 -2.22 11.95
CA VAL B 179 -15.15 -2.62 10.69
C VAL B 179 -14.10 -3.32 9.81
N LEU B 180 -12.89 -2.79 9.83
CA LEU B 180 -11.82 -3.44 9.02
C LEU B 180 -11.59 -4.85 9.52
N ASP B 181 -11.59 -5.06 10.83
CA ASP B 181 -11.42 -6.42 11.38
C ASP B 181 -12.55 -7.35 10.91
N LYS B 182 -13.78 -6.83 10.86
CA LYS B 182 -14.92 -7.65 10.41
C LYS B 182 -14.74 -8.03 8.94
N ILE B 183 -14.20 -7.13 8.13
CA ILE B 183 -13.97 -7.45 6.71
C ILE B 183 -12.87 -8.52 6.63
N THR B 184 -11.85 -8.42 7.47
CA THR B 184 -10.82 -9.47 7.44
C THR B 184 -11.47 -10.81 7.80
N ASP B 185 -12.30 -10.83 8.82
CA ASP B 185 -12.99 -12.08 9.19
C ASP B 185 -13.80 -12.62 8.01
N THR B 186 -14.49 -11.74 7.30
CA THR B 186 -15.33 -12.15 6.14
C THR B 186 -14.47 -12.73 5.02
N LEU B 187 -13.32 -12.08 4.73
CA LEU B 187 -12.44 -12.61 3.68
C LEU B 187 -11.97 -14.01 4.06
N ILE B 188 -11.58 -14.18 5.31
CA ILE B 188 -11.11 -15.51 5.78
C ILE B 188 -12.26 -16.51 5.67
N HIS B 189 -13.45 -16.10 6.06
CA HIS B 189 -14.62 -16.98 5.94
C HIS B 189 -14.82 -17.43 4.50
N LEU B 190 -14.77 -16.51 3.55
CA LEU B 190 -14.92 -16.87 2.12
C LEU B 190 -13.86 -17.89 1.71
N MET B 191 -12.62 -17.70 2.14
CA MET B 191 -11.57 -18.64 1.71
C MET B 191 -11.77 -19.99 2.39
N ALA B 192 -12.23 -19.99 3.63
CA ALA B 192 -12.45 -21.29 4.29
C ALA B 192 -13.61 -21.99 3.59
N LYS B 193 -14.64 -21.26 3.23
CA LYS B 193 -15.79 -21.87 2.51
C LYS B 193 -15.35 -22.40 1.14
N ALA B 194 -14.36 -21.80 0.48
CA ALA B 194 -13.84 -22.29 -0.81
C ALA B 194 -12.92 -23.52 -0.66
N GLY B 195 -12.65 -24.00 0.55
CA GLY B 195 -11.84 -25.21 0.75
C GLY B 195 -10.36 -24.94 0.95
N LEU B 196 -9.96 -23.68 1.07
CA LEU B 196 -8.52 -23.45 1.28
C LEU B 196 -8.13 -23.95 2.66
N THR B 197 -6.89 -24.36 2.81
CA THR B 197 -6.40 -24.75 4.15
C THR B 197 -6.10 -23.48 4.96
N LEU B 198 -5.88 -23.61 6.25
CA LEU B 198 -5.58 -22.41 7.06
C LEU B 198 -4.33 -21.72 6.53
N GLN B 199 -3.30 -22.48 6.16
CA GLN B 199 -2.08 -21.86 5.59
C GLN B 199 -2.44 -21.11 4.31
N GLN B 200 -3.27 -21.71 3.46
CA GLN B 200 -3.60 -21.05 2.18
C GLN B 200 -4.46 -19.80 2.45
N GLN B 201 -5.28 -19.85 3.49
CA GLN B 201 -6.13 -18.70 3.81
C GLN B 201 -5.26 -17.50 4.21
N HIS B 202 -4.33 -17.70 5.14
N HIS B 202 -4.32 -17.70 5.12
CA HIS B 202 -3.48 -16.56 5.57
CA HIS B 202 -3.49 -16.54 5.55
C HIS B 202 -2.63 -16.09 4.39
C HIS B 202 -2.60 -16.09 4.40
N GLN B 203 -2.13 -17.03 3.58
CA GLN B 203 -1.28 -16.65 2.43
C GLN B 203 -2.09 -15.81 1.42
N ARG B 204 -3.32 -16.21 1.16
CA ARG B 204 -4.11 -15.46 0.15
C ARG B 204 -4.55 -14.13 0.72
N LEU B 205 -4.86 -14.09 2.02
CA LEU B 205 -5.24 -12.79 2.64
C LEU B 205 -4.06 -11.83 2.45
N ALA B 206 -2.86 -12.30 2.75
CA ALA B 206 -1.71 -11.39 2.62
C ALA B 206 -1.52 -10.99 1.17
N GLN B 207 -1.68 -11.94 0.25
CA GLN B 207 -1.49 -11.62 -1.16
C GLN B 207 -2.47 -10.52 -1.59
N LEU B 208 -3.71 -10.64 -1.18
CA LEU B 208 -4.70 -9.62 -1.57
C LEU B 208 -4.40 -8.27 -0.92
N LEU B 209 -4.00 -8.27 0.35
CA LEU B 209 -3.73 -6.96 0.97
C LEU B 209 -2.45 -6.31 0.42
N LEU B 210 -1.49 -7.10 -0.03
CA LEU B 210 -0.30 -6.47 -0.62
C LEU B 210 -0.59 -5.82 -1.98
N ILE B 211 -1.60 -6.31 -2.69
CA ILE B 211 -2.04 -5.63 -3.95
C ILE B 211 -2.60 -4.25 -3.62
N LEU B 212 -3.20 -4.07 -2.43
CA LEU B 212 -3.71 -2.73 -2.03
C LEU B 212 -2.57 -1.72 -1.98
N SER B 213 -1.39 -2.13 -1.53
N SER B 213 -1.38 -2.12 -1.54
CA SER B 213 -0.22 -1.23 -1.54
CA SER B 213 -0.26 -1.16 -1.52
C SER B 213 0.03 -0.73 -2.95
C SER B 213 0.08 -0.73 -2.95
N HIS B 214 -0.02 -1.63 -3.94
CA HIS B 214 0.22 -1.26 -5.35
C HIS B 214 -0.95 -0.39 -5.85
N ILE B 215 -2.16 -0.64 -5.38
CA ILE B 215 -3.27 0.26 -5.81
C ILE B 215 -3.05 1.66 -5.21
N ARG B 216 -2.55 1.73 -3.98
CA ARG B 216 -2.25 3.06 -3.40
C ARG B 216 -1.18 3.75 -4.26
N HIS B 217 -0.15 2.99 -4.62
CA HIS B 217 0.96 3.53 -5.44
C HIS B 217 0.41 4.07 -6.77
N MET B 218 -0.46 3.29 -7.37
CA MET B 218 -1.06 3.73 -8.66
C MET B 218 -1.86 5.00 -8.45
N SER B 219 -2.64 5.07 -7.38
N SER B 219 -2.65 5.08 -7.38
CA SER B 219 -3.45 6.29 -7.12
CA SER B 219 -3.45 6.30 -7.15
C SER B 219 -2.50 7.49 -6.94
C SER B 219 -2.51 7.50 -6.95
N ASN B 220 -1.41 7.29 -6.21
CA ASN B 220 -0.45 8.38 -6.00
C ASN B 220 0.11 8.79 -7.37
N LYS B 221 0.54 7.83 -8.17
CA LYS B 221 1.15 8.17 -9.48
C LYS B 221 0.08 8.71 -10.42
N GLY B 222 -1.12 8.17 -10.31
CA GLY B 222 -2.23 8.67 -11.13
C GLY B 222 -2.56 10.11 -10.78
N MET B 223 -2.53 10.44 -9.48
CA MET B 223 -2.81 11.82 -9.00
C MET B 223 -1.75 12.76 -9.56
N GLU B 224 -0.49 12.32 -9.62
CA GLU B 224 0.60 13.15 -10.17
C GLU B 224 0.35 13.40 -11.66
N HIS B 225 -0.01 12.35 -12.39
CA HIS B 225 -0.28 12.41 -13.83
C HIS B 225 -1.46 13.35 -14.12
N LEU B 226 -2.52 13.25 -13.34
CA LEU B 226 -3.68 14.09 -13.60
C LEU B 226 -3.37 15.55 -13.27
N TYR B 227 -2.64 15.81 -12.17
CA TYR B 227 -2.22 17.21 -11.94
C TYR B 227 -1.28 17.70 -13.01
N SER B 228 -0.56 16.80 -13.66
CA SER B 228 0.41 17.30 -14.63
C SER B 228 -0.35 17.82 -15.86
N VAL B 235 -9.57 16.82 -8.53
CA VAL B 235 -9.95 16.46 -7.15
C VAL B 235 -11.37 16.93 -6.72
N PRO B 236 -12.23 16.00 -6.30
CA PRO B 236 -13.58 16.43 -5.88
C PRO B 236 -13.49 17.14 -4.55
N SER B 237 -14.18 18.28 -4.43
CA SER B 237 -14.11 19.10 -3.23
C SER B 237 -14.88 18.44 -2.08
N TYR B 238 -14.54 18.86 -0.85
CA TYR B 238 -15.30 18.44 0.32
C TYR B 238 -16.77 18.73 0.12
N ASP B 239 -17.10 19.92 -0.39
CA ASP B 239 -18.51 20.26 -0.56
C ASP B 239 -19.18 19.40 -1.62
N LEU B 240 -18.46 19.05 -2.71
CA LEU B 240 -19.11 18.23 -3.72
C LEU B 240 -19.42 16.85 -3.12
N LEU B 241 -18.43 16.28 -2.43
CA LEU B 241 -18.67 14.95 -1.85
C LEU B 241 -19.80 14.98 -0.84
N LEU B 242 -19.78 16.00 0.04
CA LEU B 242 -20.83 16.15 1.04
C LEU B 242 -22.20 16.29 0.38
N GLU B 243 -22.30 17.07 -0.68
CA GLU B 243 -23.58 17.18 -1.38
C GLU B 243 -24.02 15.82 -1.93
N MET B 244 -23.09 15.05 -2.53
CA MET B 244 -23.45 13.73 -3.07
C MET B 244 -23.90 12.81 -1.93
N LEU B 245 -23.32 13.01 -0.74
CA LEU B 245 -23.72 12.14 0.37
C LEU B 245 -25.17 12.39 0.82
N ASP B 246 -25.74 13.55 0.46
CA ASP B 246 -27.19 13.79 0.68
C ASP B 246 -27.56 13.65 2.18
N ALA B 247 -27.02 14.58 2.97
CA ALA B 247 -27.18 14.53 4.42
C ALA B 247 -28.65 14.50 4.84
N HIS B 248 -28.93 13.76 5.93
CA HIS B 248 -30.25 13.83 6.55
C HIS B 248 -30.58 15.29 6.91
N ARG B 249 -31.88 15.60 6.94
CA ARG B 249 -32.31 16.99 7.07
C ARG B 249 -32.63 17.42 8.49
N LEU B 250 -32.32 16.60 9.50
CA LEU B 250 -32.55 17.03 10.87
C LEU B 250 -31.17 17.06 11.54
N HIS B 251 -30.50 18.21 11.45
CA HIS B 251 -29.15 18.41 12.04
C HIS B 251 -29.20 18.74 13.53
N1 TXK C . 13.97 12.10 5.43
C4 TXK C . 14.97 8.38 7.33
C5 TXK C . 14.68 9.63 6.61
C6 TXK C . 15.60 10.53 6.18
C7 TXK C . 13.13 9.94 6.38
C8 TXK C . 13.06 11.07 5.35
C10 TXK C . 13.65 13.56 5.46
C13 TXK C . 10.21 15.25 5.35
C15 TXK C . 10.52 13.92 7.46
C17 TXK C . 12.72 10.40 3.99
C20 TXK C . 16.60 12.77 3.48
C21 TXK C . 17.25 12.71 2.09
C22 TXK C . 17.15 11.55 1.44
C24 TXK C . 15.86 10.37 3.23
C26 TXK C . 18.93 10.37 0.16
C28 TXK C . 20.09 8.61 -1.09
C1 TXK C . 17.05 10.26 6.44
C11 TXK C . 12.23 14.04 5.69
C12 TXK C . 11.60 14.87 4.86
C14 TXK C . 9.75 14.81 6.53
C16 TXK C . 11.71 13.54 7.04
C18 TXK C . 11.64 11.18 4.71
C19 TXK C . 15.93 11.71 3.98
C2 TXK C . 17.36 9.11 7.08
C23 TXK C . 16.42 10.35 2.02
C25 TXK C . 17.79 11.42 -0.01
C27 TXK C . 19.45 9.87 -1.26
C29 TXK C . 21.06 8.67 -2.27
C3 TXK C . 16.29 8.15 7.57
C30 TXK C . 20.54 10.81 -1.70
C31 TXK C . 21.97 10.37 -3.25
C32 TXK C . 23.04 9.45 -3.90
C33 TXK C . 23.77 10.25 -5.01
C9 TXK C . 15.37 11.81 5.38
N2 TXK C . 21.59 9.97 -2.12
O1 TXK C . 14.53 14.37 5.45
O2 TXK C . 16.63 6.97 8.16
N1 TXK D . -8.17 7.19 -15.56
C4 TXK D . -11.10 4.51 -13.98
C5 TXK D . -10.14 5.52 -14.50
C6 TXK D . -10.44 6.67 -15.14
C7 TXK D . -8.59 5.14 -14.20
C8 TXK D . -7.74 6.37 -14.52
C10 TXK D . -7.31 7.70 -16.64
C13 TXK D . -3.54 7.07 -17.19
C15 TXK D . -4.84 4.93 -17.35
C17 TXK D . -7.46 6.97 -13.10
C20 TXK D . -9.65 10.20 -15.48
C21 TXK D . -9.85 11.50 -14.75
C22 TXK D . -10.09 11.46 -13.40
C24 TXK D . -9.97 8.97 -13.34
C26 TXK D . -11.73 12.75 -12.11
C28 TXK D . -12.99 13.55 -10.23
C1 TXK D . -11.89 7.01 -15.38
C11 TXK D . -5.90 7.12 -16.85
C12 TXK D . -4.80 7.88 -16.91
C14 TXK D . -3.59 5.79 -17.39
C16 TXK D . -5.97 5.61 -17.06
C18 TXK D . -6.29 6.42 -13.86
C19 TXK D . -9.71 9.03 -14.86
C2 TXK D . -12.81 6.11 -14.95
C23 TXK D . -10.16 10.11 -12.66
C25 TXK D . -10.28 12.81 -12.64
C27 TXK D . -11.98 13.99 -11.10
C29 TXK D . -13.75 14.86 -9.97
C3 TXK D . -12.42 4.82 -14.21
C30 TXK D . -12.47 15.18 -11.88
C31 TXK D . -13.32 16.86 -10.81
C32 TXK D . -14.40 17.40 -9.82
C33 TXK D . -15.67 17.70 -10.63
C9 TXK D . -9.52 7.73 -15.65
N2 TXK D . -13.55 15.66 -11.13
O1 TXK D . -7.79 8.40 -17.45
O2 TXK D . -13.43 4.00 -13.76
#